data_8UQQ
#
_entry.id   8UQQ
#
_cell.length_a   35.020
_cell.length_b   69.956
_cell.length_c   84.671
_cell.angle_alpha   90.00
_cell.angle_beta   90.00
_cell.angle_gamma   90.00
#
_symmetry.space_group_name_H-M   'P 2 21 21'
#
loop_
_entity.id
_entity.type
_entity.pdbx_description
1 polymer mCLIFY
2 water water
#
_entity_poly.entity_id   1
_entity_poly.type   'polypeptide(L)'
_entity_poly.pdbx_seq_one_letter_code
;MGPGVPMGGVQLADHYQQNTPIGDGPVLLPDNHYLSYQSKLFKDPNEKRDHMVLLEFLTAAGITEGMDELYKEFGGGGGM
SKGEELFTGVVPILVELDGDVNGHKFSVSGEGEGDATYGKLTLKLLCTTGKLPVPWPTLVTTL(CR2)VQCFARYPDHMK
QHDFFKSAMPEGYVQERTIFFKDDGNYKTRAEVKFEGDTLVNRIELKGIDFKEDGNILGHKLEYNYNSHNVYITADKQKN
GIKANFKIRHNIEDG
;
_entity_poly.pdbx_strand_id   A
#
# COMPACT_ATOMS: atom_id res chain seq x y z
N GLY A 9 5.43 19.19 -14.22
CA GLY A 9 5.11 19.28 -12.81
C GLY A 9 4.74 17.93 -12.22
N VAL A 10 4.62 17.77 -10.92
CA VAL A 10 4.20 16.57 -10.21
C VAL A 10 3.15 16.96 -9.19
N GLN A 11 2.28 16.11 -8.93
CA GLN A 11 1.32 16.18 -7.83
C GLN A 11 1.92 15.42 -6.66
N LEU A 12 2.32 16.14 -5.62
CA LEU A 12 2.89 15.50 -4.45
C LEU A 12 1.78 14.90 -3.59
N ALA A 13 2.09 13.77 -2.96
CA ALA A 13 1.18 13.10 -2.02
C ALA A 13 2.03 12.71 -0.83
N ASP A 14 1.90 13.47 0.26
CA ASP A 14 2.72 13.33 1.45
C ASP A 14 2.06 12.27 2.35
N HIS A 15 2.75 11.15 2.54
CA HIS A 15 2.21 9.99 3.26
C HIS A 15 2.76 9.93 4.67
N TYR A 16 1.85 9.87 5.65
CA TYR A 16 2.16 9.55 7.04
C TYR A 16 1.48 8.24 7.40
N GLN A 17 2.25 7.30 7.94
CA GLN A 17 1.78 5.93 8.13
C GLN A 17 2.12 5.45 9.53
N GLN A 18 1.23 4.65 10.11
CA GLN A 18 1.59 3.87 11.29
C GLN A 18 1.00 2.47 11.18
N ASN A 19 1.75 1.51 11.73
CA ASN A 19 1.34 0.11 11.71
C ASN A 19 1.44 -0.44 13.12
N THR A 20 0.40 -1.16 13.53
CA THR A 20 0.34 -1.74 14.87
C THR A 20 -0.15 -3.18 14.81
N PRO A 21 0.37 -4.06 15.66
CA PRO A 21 -0.04 -5.47 15.60
CA PRO A 21 -0.04 -5.47 15.60
C PRO A 21 -1.50 -5.65 15.98
N ILE A 22 -2.14 -6.62 15.34
CA ILE A 22 -3.50 -7.02 15.73
C ILE A 22 -3.45 -7.98 16.90
N GLY A 23 -2.51 -8.92 16.88
CA GLY A 23 -2.39 -9.92 17.91
C GLY A 23 -1.49 -9.50 19.07
N ASP A 24 -1.23 -10.46 19.95
CA ASP A 24 -0.49 -10.22 21.18
C ASP A 24 0.91 -10.80 21.19
N GLY A 25 1.25 -11.62 20.19
CA GLY A 25 2.57 -12.23 20.13
C GLY A 25 3.64 -11.19 19.89
N PRO A 26 4.87 -11.52 20.26
CA PRO A 26 5.99 -10.58 20.12
C PRO A 26 6.26 -10.22 18.65
N VAL A 27 6.56 -8.95 18.41
CA VAL A 27 6.86 -8.45 17.08
C VAL A 27 8.25 -7.85 17.10
N LEU A 28 8.89 -7.83 15.94
CA LEU A 28 10.19 -7.21 15.80
C LEU A 28 10.02 -5.70 15.69
N LEU A 29 10.69 -4.94 16.56
CA LEU A 29 10.71 -3.49 16.42
C LEU A 29 12.02 -3.09 15.76
N PRO A 30 11.99 -2.52 14.56
CA PRO A 30 13.21 -2.41 13.74
C PRO A 30 14.03 -1.15 14.03
N ASP A 31 15.30 -1.21 13.63
CA ASP A 31 16.09 0.01 13.46
C ASP A 31 15.58 0.78 12.24
N ASN A 32 15.90 2.06 12.19
CA ASN A 32 15.48 2.88 11.05
C ASN A 32 16.00 2.28 9.74
N HIS A 33 15.13 2.16 8.74
CA HIS A 33 15.55 1.63 7.45
C HIS A 33 14.53 2.07 6.39
N TYR A 34 14.77 1.65 5.15
CA TYR A 34 13.90 1.97 4.03
C TYR A 34 13.31 0.71 3.43
N LEU A 35 12.10 0.84 2.88
CA LEU A 35 11.63 -0.06 1.84
C LEU A 35 11.74 0.65 0.50
N SER A 36 12.56 0.13 -0.39
CA SER A 36 12.69 0.68 -1.74
CA SER A 36 12.69 0.68 -1.74
C SER A 36 11.64 0.02 -2.63
N TYR A 37 10.75 0.83 -3.19
CA TYR A 37 9.66 0.41 -4.04
C TYR A 37 9.92 0.82 -5.48
N GLN A 38 9.61 -0.10 -6.39
CA GLN A 38 9.43 0.19 -7.81
C GLN A 38 8.11 -0.41 -8.23
N SER A 39 7.31 0.35 -8.97
CA SER A 39 5.98 -0.11 -9.35
C SER A 39 5.75 0.10 -10.84
N LYS A 40 4.85 -0.71 -11.38
CA LYS A 40 4.41 -0.56 -12.76
C LYS A 40 2.91 -0.79 -12.84
N LEU A 41 2.23 0.06 -13.60
CA LEU A 41 0.79 -0.01 -13.76
C LEU A 41 0.47 -0.45 -15.18
N PHE A 42 -0.49 -1.36 -15.30
CA PHE A 42 -0.91 -1.84 -16.62
C PHE A 42 -2.43 -1.83 -16.72
N LYS A 43 -2.89 -1.91 -17.96
CA LYS A 43 -4.29 -2.18 -18.28
C LYS A 43 -4.37 -3.55 -18.93
N ASP A 44 -5.34 -4.35 -18.51
CA ASP A 44 -5.66 -5.63 -19.12
C ASP A 44 -6.58 -5.33 -20.30
N PRO A 45 -6.13 -5.54 -21.54
CA PRO A 45 -6.96 -5.16 -22.70
C PRO A 45 -8.27 -5.91 -22.78
N ASN A 46 -8.37 -7.07 -22.14
CA ASN A 46 -9.60 -7.83 -22.12
C ASN A 46 -10.47 -7.55 -20.90
N GLU A 47 -9.99 -6.76 -19.94
CA GLU A 47 -10.81 -6.36 -18.81
C GLU A 47 -11.61 -5.12 -19.21
N LYS A 48 -12.92 -5.22 -19.14
CA LYS A 48 -13.79 -4.16 -19.63
C LYS A 48 -14.42 -3.34 -18.51
N ARG A 49 -14.11 -3.66 -17.26
CA ARG A 49 -14.49 -2.84 -16.12
C ARG A 49 -13.30 -1.92 -15.78
N ASP A 50 -13.59 -0.81 -15.09
CA ASP A 50 -12.53 0.09 -14.67
C ASP A 50 -11.61 -0.65 -13.70
N HIS A 51 -10.31 -0.65 -13.98
CA HIS A 51 -9.42 -1.56 -13.27
C HIS A 51 -7.99 -1.04 -13.35
N MET A 52 -7.13 -1.66 -12.53
CA MET A 52 -5.69 -1.45 -12.53
C MET A 52 -4.99 -2.78 -12.31
N VAL A 53 -3.98 -3.07 -13.13
CA VAL A 53 -3.04 -4.14 -12.86
C VAL A 53 -1.81 -3.49 -12.25
N LEU A 54 -1.49 -3.87 -11.02
CA LEU A 54 -0.43 -3.26 -10.25
C LEU A 54 0.65 -4.29 -9.99
N LEU A 55 1.88 -3.96 -10.36
CA LEU A 55 3.05 -4.80 -10.10
CA LEU A 55 3.04 -4.81 -10.08
C LEU A 55 4.02 -4.03 -9.24
N GLU A 56 4.37 -4.58 -8.08
CA GLU A 56 5.29 -3.89 -7.18
C GLU A 56 6.49 -4.77 -6.88
N PHE A 57 7.63 -4.12 -6.74
CA PHE A 57 8.81 -4.72 -6.20
C PHE A 57 9.21 -3.90 -4.99
N LEU A 58 9.50 -4.59 -3.86
CA LEU A 58 9.80 -3.92 -2.62
C LEU A 58 10.95 -4.63 -1.92
N THR A 59 11.99 -3.87 -1.57
CA THR A 59 13.21 -4.44 -0.99
C THR A 59 13.66 -3.59 0.18
N ALA A 60 14.01 -4.21 1.30
CA ALA A 60 14.52 -3.43 2.42
C ALA A 60 15.97 -3.03 2.19
N ALA A 61 16.33 -1.87 2.74
CA ALA A 61 17.68 -1.35 2.59
C ALA A 61 18.02 -0.47 3.79
N GLY A 62 19.32 -0.36 4.08
CA GLY A 62 19.75 0.48 5.18
C GLY A 62 19.72 1.96 4.84
N ILE A 63 19.75 2.79 5.88
CA ILE A 63 19.76 4.23 5.67
C ILE A 63 21.00 4.65 4.89
N THR A 64 22.14 4.01 5.15
CA THR A 64 23.36 4.22 4.37
C THR A 64 23.42 3.26 3.18
N GLY A 83 6.23 -16.04 11.84
CA GLY A 83 5.65 -15.28 10.74
C GLY A 83 6.33 -15.46 9.39
N GLU A 84 7.66 -15.39 9.38
CA GLU A 84 8.39 -15.46 8.12
C GLU A 84 8.14 -16.78 7.41
N GLU A 85 7.85 -17.83 8.17
CA GLU A 85 7.56 -19.14 7.58
C GLU A 85 6.36 -19.10 6.65
N LEU A 86 5.42 -18.18 6.88
CA LEU A 86 4.24 -18.09 6.02
C LEU A 86 4.53 -17.48 4.66
N PHE A 87 5.73 -16.95 4.43
CA PHE A 87 6.02 -16.21 3.21
C PHE A 87 7.08 -16.87 2.34
N THR A 88 7.38 -18.14 2.57
CA THR A 88 8.44 -18.80 1.82
C THR A 88 8.06 -19.04 0.36
N GLY A 89 6.77 -19.17 0.08
CA GLY A 89 6.33 -19.39 -1.28
C GLY A 89 5.41 -18.30 -1.77
N VAL A 90 4.64 -18.61 -2.81
CA VAL A 90 3.66 -17.69 -3.37
C VAL A 90 2.41 -17.69 -2.50
N VAL A 91 1.94 -16.51 -2.13
CA VAL A 91 0.82 -16.35 -1.22
C VAL A 91 -0.29 -15.64 -1.98
N PRO A 92 -1.49 -16.21 -2.07
CA PRO A 92 -2.59 -15.49 -2.70
C PRO A 92 -3.01 -14.30 -1.85
N ILE A 93 -3.45 -13.26 -2.51
CA ILE A 93 -3.82 -12.00 -1.88
C ILE A 93 -5.24 -11.66 -2.28
N LEU A 94 -5.98 -11.11 -1.33
CA LEU A 94 -7.30 -10.52 -1.58
C LEU A 94 -7.29 -9.10 -1.05
N VAL A 95 -7.79 -8.16 -1.84
CA VAL A 95 -7.86 -6.76 -1.42
C VAL A 95 -9.30 -6.28 -1.52
N GLU A 96 -9.79 -5.62 -0.49
CA GLU A 96 -11.13 -5.04 -0.50
C GLU A 96 -11.03 -3.64 0.05
N LEU A 97 -11.58 -2.66 -0.66
CA LEU A 97 -11.53 -1.25 -0.25
C LEU A 97 -12.92 -0.66 -0.38
N ASP A 98 -13.39 -0.02 0.68
CA ASP A 98 -14.56 0.84 0.61
C ASP A 98 -14.11 2.28 0.79
N GLY A 99 -14.50 3.16 -0.12
CA GLY A 99 -13.98 4.50 -0.14
C GLY A 99 -15.11 5.50 -0.32
N ASP A 100 -14.82 6.71 0.12
CA ASP A 100 -15.73 7.85 -0.02
C ASP A 100 -14.84 9.08 -0.14
N VAL A 101 -14.81 9.71 -1.32
CA VAL A 101 -13.98 10.89 -1.58
C VAL A 101 -14.91 12.03 -2.02
N ASN A 102 -14.95 13.10 -1.22
CA ASN A 102 -15.89 14.20 -1.44
C ASN A 102 -17.32 13.71 -1.60
N GLY A 103 -17.67 12.63 -0.91
CA GLY A 103 -19.00 12.08 -1.00
C GLY A 103 -19.24 11.14 -2.16
N HIS A 104 -18.25 10.95 -3.04
CA HIS A 104 -18.31 9.89 -4.06
C HIS A 104 -17.95 8.58 -3.39
N LYS A 105 -18.90 7.67 -3.30
CA LYS A 105 -18.70 6.37 -2.66
C LYS A 105 -18.34 5.34 -3.73
N PHE A 106 -17.34 4.51 -3.43
CA PHE A 106 -16.90 3.53 -4.40
C PHE A 106 -16.35 2.33 -3.65
N SER A 107 -16.23 1.22 -4.37
CA SER A 107 -15.61 0.02 -3.84
C SER A 107 -14.62 -0.54 -4.86
N VAL A 108 -13.52 -1.08 -4.35
CA VAL A 108 -12.50 -1.70 -5.16
C VAL A 108 -12.27 -3.10 -4.60
N SER A 109 -12.17 -4.08 -5.48
CA SER A 109 -11.96 -5.46 -5.10
C SER A 109 -10.88 -6.06 -5.99
N GLY A 110 -9.97 -6.82 -5.40
CA GLY A 110 -8.81 -7.27 -6.15
C GLY A 110 -8.31 -8.61 -5.68
N GLU A 111 -7.56 -9.25 -6.52
CA GLU A 111 -6.89 -10.45 -6.15
C GLU A 111 -5.52 -10.48 -6.77
N GLY A 112 -4.63 -11.22 -6.15
CA GLY A 112 -3.29 -11.28 -6.67
C GLY A 112 -2.45 -12.33 -5.99
N GLU A 113 -1.16 -12.15 -6.13
CA GLU A 113 -0.18 -13.04 -5.52
C GLU A 113 1.03 -12.26 -5.09
N GLY A 114 1.58 -12.61 -3.93
CA GLY A 114 2.83 -12.04 -3.48
C GLY A 114 3.88 -13.12 -3.28
N ASP A 115 5.14 -12.76 -3.52
CA ASP A 115 6.28 -13.67 -3.39
C ASP A 115 7.38 -12.87 -2.70
N ALA A 116 7.41 -12.95 -1.37
CA ALA A 116 8.36 -12.17 -0.57
C ALA A 116 9.79 -12.60 -0.82
N THR A 117 10.02 -13.83 -1.29
CA THR A 117 11.38 -14.22 -1.62
CA THR A 117 11.36 -14.25 -1.66
C THR A 117 11.99 -13.29 -2.66
N TYR A 118 11.18 -12.79 -3.59
CA TYR A 118 11.61 -11.81 -4.58
C TYR A 118 11.13 -10.40 -4.28
N GLY A 119 10.43 -10.19 -3.16
CA GLY A 119 9.86 -8.88 -2.89
C GLY A 119 8.90 -8.45 -3.97
N LYS A 120 8.06 -9.36 -4.45
CA LYS A 120 7.25 -9.12 -5.63
C LYS A 120 5.78 -9.25 -5.30
N LEU A 121 4.95 -8.37 -5.85
CA LEU A 121 3.52 -8.65 -5.77
C LEU A 121 2.83 -8.22 -7.05
N THR A 122 1.73 -8.91 -7.35
CA THR A 122 0.91 -8.64 -8.52
C THR A 122 -0.53 -8.61 -8.07
N LEU A 123 -1.26 -7.58 -8.49
CA LEU A 123 -2.66 -7.40 -8.13
C LEU A 123 -3.44 -6.98 -9.35
N LYS A 124 -4.64 -7.53 -9.51
CA LYS A 124 -5.62 -7.00 -10.45
C LYS A 124 -6.78 -6.50 -9.62
N LEU A 125 -7.08 -5.21 -9.75
CA LEU A 125 -8.04 -4.52 -8.90
C LEU A 125 -9.11 -3.90 -9.78
N LEU A 126 -10.38 -4.14 -9.44
CA LEU A 126 -11.50 -3.64 -10.21
C LEU A 126 -12.31 -2.70 -9.34
N CYS A 127 -12.79 -1.61 -9.94
CA CYS A 127 -13.82 -0.82 -9.30
C CYS A 127 -15.16 -1.52 -9.53
N THR A 128 -15.79 -1.98 -8.46
CA THR A 128 -17.01 -2.77 -8.60
C THR A 128 -18.26 -1.92 -8.57
N THR A 129 -18.13 -0.60 -8.40
CA THR A 129 -19.27 0.31 -8.36
C THR A 129 -19.37 1.18 -9.61
N GLY A 130 -18.56 0.91 -10.63
CA GLY A 130 -18.62 1.69 -11.84
C GLY A 130 -17.30 2.34 -12.18
N LYS A 131 -17.33 3.62 -12.52
CA LYS A 131 -16.11 4.36 -12.81
C LYS A 131 -15.48 4.81 -11.49
N LEU A 132 -14.18 4.62 -11.36
CA LEU A 132 -13.48 5.07 -10.17
C LEU A 132 -13.46 6.60 -10.16
N PRO A 133 -13.87 7.24 -9.06
CA PRO A 133 -13.98 8.71 -9.06
C PRO A 133 -12.66 9.44 -8.81
N VAL A 134 -11.58 8.71 -8.61
CA VAL A 134 -10.24 9.28 -8.43
C VAL A 134 -9.31 8.53 -9.38
N PRO A 135 -8.15 9.10 -9.70
CA PRO A 135 -7.20 8.35 -10.54
C PRO A 135 -6.68 7.12 -9.81
N TRP A 136 -6.58 6.01 -10.54
CA TRP A 136 -6.02 4.79 -9.98
C TRP A 136 -4.66 4.99 -9.32
N PRO A 137 -3.71 5.76 -9.89
CA PRO A 137 -2.42 5.92 -9.20
C PRO A 137 -2.54 6.47 -7.78
N THR A 138 -3.57 7.26 -7.48
CA THR A 138 -3.68 7.79 -6.12
C THR A 138 -4.02 6.71 -5.10
N LEU A 139 -4.46 5.53 -5.54
CA LEU A 139 -4.80 4.44 -4.64
C LEU A 139 -3.72 3.39 -4.53
N VAL A 140 -2.62 3.51 -5.28
CA VAL A 140 -1.61 2.46 -5.32
C VAL A 140 -1.06 2.17 -3.92
N THR A 141 -0.72 3.21 -3.16
CA THR A 141 -0.12 2.94 -1.85
C THR A 141 -1.12 2.31 -0.90
N THR A 142 -2.39 2.66 -1.05
CA THR A 142 -3.41 2.13 -0.17
C THR A 142 -3.68 0.66 -0.47
N LEU A 143 -3.81 0.32 -1.75
CA LEU A 143 -4.12 -1.07 -2.15
C LEU A 143 -2.91 -1.99 -1.97
N VAL A 145 0.69 -3.87 1.02
CA VAL A 145 0.97 -5.12 1.74
C VAL A 145 2.48 -5.26 1.89
N GLN A 146 3.01 -4.51 2.85
CA GLN A 146 4.44 -4.43 3.00
C GLN A 146 5.05 -5.68 3.61
N CYS A 147 4.21 -6.65 3.98
CA CYS A 147 4.71 -7.95 4.43
C CYS A 147 5.35 -8.75 3.30
N PHE A 148 5.21 -8.33 2.04
CA PHE A 148 5.86 -9.05 0.94
C PHE A 148 7.22 -8.46 0.58
N ALA A 149 7.73 -7.52 1.37
CA ALA A 149 9.06 -6.98 1.10
C ALA A 149 10.10 -8.08 1.23
N ARG A 150 11.13 -8.00 0.39
CA ARG A 150 12.29 -8.86 0.53
C ARG A 150 13.28 -8.18 1.48
N TYR A 151 13.51 -8.77 2.64
CA TYR A 151 14.52 -8.27 3.57
C TYR A 151 15.74 -9.11 3.36
N PRO A 152 16.86 -8.47 3.03
CA PRO A 152 18.12 -9.21 2.92
CA PRO A 152 18.12 -9.21 2.92
C PRO A 152 18.48 -9.85 4.25
N ASP A 153 19.32 -10.87 4.18
CA ASP A 153 19.58 -11.69 5.34
C ASP A 153 20.10 -10.88 6.50
N HIS A 154 20.97 -9.95 6.23
CA HIS A 154 21.46 -9.14 7.32
C HIS A 154 20.36 -8.26 7.99
N MET A 155 19.22 -8.13 7.34
CA MET A 155 18.16 -7.30 7.88
C MET A 155 16.91 -7.98 8.41
N LYS A 156 16.90 -9.29 8.44
CA LYS A 156 15.71 -9.99 8.80
C LYS A 156 15.13 -9.62 10.18
N GLN A 157 15.96 -9.22 11.11
CA GLN A 157 15.47 -8.88 12.40
C GLN A 157 14.73 -7.56 12.39
N HIS A 158 14.71 -6.87 11.27
CA HIS A 158 14.00 -5.59 11.21
C HIS A 158 12.66 -5.70 10.46
N ASP A 159 12.20 -6.91 10.18
CA ASP A 159 10.94 -7.11 9.42
C ASP A 159 9.76 -7.18 10.40
N PHE A 160 9.24 -6.00 10.75
CA PHE A 160 8.04 -5.93 11.60
C PHE A 160 6.86 -6.65 10.95
N PHE A 161 6.71 -6.49 9.64
CA PHE A 161 5.47 -6.85 8.95
C PHE A 161 5.22 -8.36 9.02
N LYS A 162 6.24 -9.15 8.71
CA LYS A 162 6.07 -10.60 8.78
C LYS A 162 5.96 -11.08 10.22
N SER A 163 6.65 -10.41 11.15
CA SER A 163 6.62 -10.87 12.54
C SER A 163 5.23 -10.72 13.16
N ALA A 164 4.38 -9.83 12.63
CA ALA A 164 3.03 -9.69 13.14
C ALA A 164 2.06 -10.74 12.60
N MET A 165 2.49 -11.56 11.65
CA MET A 165 1.61 -12.56 11.03
C MET A 165 1.60 -13.83 11.85
N PRO A 166 0.53 -14.65 11.79
CA PRO A 166 -0.64 -14.51 10.91
C PRO A 166 -1.73 -13.57 11.40
N GLU A 167 -1.66 -13.15 12.67
CA GLU A 167 -2.72 -12.33 13.23
C GLU A 167 -2.79 -10.98 12.52
N GLY A 168 -1.64 -10.44 12.13
CA GLY A 168 -1.61 -9.29 11.23
C GLY A 168 -1.39 -7.96 11.92
N TYR A 169 -1.61 -6.90 11.14
CA TYR A 169 -1.42 -5.55 11.62
C TYR A 169 -2.45 -4.61 11.00
N VAL A 170 -2.71 -3.54 11.72
CA VAL A 170 -3.48 -2.42 11.21
C VAL A 170 -2.50 -1.42 10.62
N GLN A 171 -2.78 -0.97 9.41
CA GLN A 171 -2.02 0.08 8.74
C GLN A 171 -2.94 1.27 8.57
N GLU A 172 -2.54 2.40 9.14
CA GLU A 172 -3.31 3.62 9.07
C GLU A 172 -2.48 4.69 8.41
N ARG A 173 -3.12 5.51 7.59
CA ARG A 173 -2.40 6.56 6.91
C ARG A 173 -3.23 7.82 6.84
N THR A 174 -2.52 8.95 6.77
CA THR A 174 -3.07 10.17 6.20
C THR A 174 -2.19 10.55 5.02
N ILE A 175 -2.82 10.90 3.91
CA ILE A 175 -2.14 11.23 2.67
C ILE A 175 -2.60 12.64 2.30
N PHE A 176 -1.67 13.59 2.32
CA PHE A 176 -1.97 14.97 1.98
C PHE A 176 -1.54 15.24 0.55
N PHE A 177 -2.51 15.49 -0.33
CA PHE A 177 -2.20 15.89 -1.70
C PHE A 177 -1.97 17.40 -1.72
N LYS A 178 -0.76 17.79 -2.13
CA LYS A 178 -0.37 19.20 -2.13
C LYS A 178 -1.39 20.05 -2.89
N ASP A 179 -1.80 21.15 -2.27
CA ASP A 179 -2.76 22.09 -2.85
C ASP A 179 -4.09 21.42 -3.18
N ASP A 180 -4.45 20.37 -2.45
CA ASP A 180 -5.65 19.61 -2.74
C ASP A 180 -6.10 18.93 -1.45
N GLY A 181 -6.95 17.91 -1.57
CA GLY A 181 -7.54 17.25 -0.42
C GLY A 181 -6.62 16.22 0.19
N ASN A 182 -7.21 15.42 1.10
CA ASN A 182 -6.43 14.38 1.79
C ASN A 182 -7.25 13.10 1.88
N TYR A 183 -6.53 11.97 1.90
CA TYR A 183 -7.10 10.66 2.20
C TYR A 183 -6.75 10.28 3.63
N LYS A 184 -7.68 9.63 4.31
CA LYS A 184 -7.38 8.94 5.57
C LYS A 184 -7.78 7.48 5.38
N THR A 185 -6.88 6.57 5.70
CA THR A 185 -7.13 5.17 5.46
C THR A 185 -6.87 4.36 6.72
N ARG A 186 -7.65 3.28 6.86
CA ARG A 186 -7.40 2.28 7.89
CA ARG A 186 -7.40 2.28 7.89
C ARG A 186 -7.57 0.91 7.25
N ALA A 187 -6.54 0.07 7.35
CA ALA A 187 -6.54 -1.25 6.74
C ALA A 187 -6.15 -2.30 7.77
N GLU A 188 -6.73 -3.48 7.66
CA GLU A 188 -6.28 -4.64 8.40
C GLU A 188 -5.66 -5.59 7.40
N VAL A 189 -4.43 -6.00 7.68
CA VAL A 189 -3.67 -6.88 6.81
C VAL A 189 -3.34 -8.11 7.64
N LYS A 190 -3.87 -9.26 7.21
CA LYS A 190 -3.75 -10.44 8.04
C LYS A 190 -4.05 -11.68 7.22
N PHE A 191 -3.61 -12.84 7.71
CA PHE A 191 -3.95 -14.08 7.05
C PHE A 191 -5.34 -14.53 7.46
N GLU A 192 -6.15 -14.90 6.47
CA GLU A 192 -7.39 -15.62 6.69
C GLU A 192 -7.20 -16.94 5.94
N GLY A 193 -6.96 -17.99 6.69
CA GLY A 193 -6.57 -19.25 6.06
C GLY A 193 -5.28 -19.08 5.29
N ASP A 194 -5.28 -19.54 4.04
CA ASP A 194 -4.07 -19.45 3.24
C ASP A 194 -3.92 -18.11 2.53
N THR A 195 -4.86 -17.18 2.72
CA THR A 195 -4.91 -15.98 1.90
C THR A 195 -4.53 -14.77 2.74
N LEU A 196 -3.59 -13.97 2.24
CA LEU A 196 -3.28 -12.68 2.85
C LEU A 196 -4.34 -11.67 2.40
N VAL A 197 -5.05 -11.09 3.36
CA VAL A 197 -6.15 -10.16 3.07
C VAL A 197 -5.75 -8.76 3.50
N ASN A 198 -6.05 -7.78 2.65
CA ASN A 198 -5.89 -6.35 2.93
C ASN A 198 -7.28 -5.72 2.82
N ARG A 199 -7.91 -5.41 3.95
CA ARG A 199 -9.27 -4.84 3.97
C ARG A 199 -9.19 -3.40 4.46
N ILE A 200 -9.69 -2.46 3.66
CA ILE A 200 -9.39 -1.05 3.78
C ILE A 200 -10.68 -0.24 3.81
N GLU A 201 -10.69 0.79 4.65
CA GLU A 201 -11.63 1.89 4.54
C GLU A 201 -10.89 3.19 4.26
N LEU A 202 -11.41 3.98 3.33
CA LEU A 202 -10.76 5.19 2.87
C LEU A 202 -11.77 6.33 2.85
N LYS A 203 -11.37 7.46 3.42
CA LYS A 203 -12.19 8.67 3.40
C LYS A 203 -11.36 9.82 2.87
N GLY A 204 -11.84 10.48 1.85
CA GLY A 204 -11.13 11.60 1.24
C GLY A 204 -11.99 12.84 1.37
N ILE A 205 -11.35 13.96 1.73
CA ILE A 205 -12.07 15.21 1.89
C ILE A 205 -11.26 16.37 1.34
N ASP A 206 -11.99 17.47 1.07
CA ASP A 206 -11.41 18.76 0.73
C ASP A 206 -10.74 18.77 -0.64
N PHE A 207 -11.18 17.89 -1.55
CA PHE A 207 -10.58 17.88 -2.88
C PHE A 207 -11.23 18.95 -3.75
N LYS A 208 -10.43 19.51 -4.65
CA LYS A 208 -10.90 20.47 -5.63
C LYS A 208 -11.60 19.76 -6.79
N GLU A 209 -12.81 20.24 -7.13
CA GLU A 209 -13.52 19.62 -8.24
C GLU A 209 -12.72 19.76 -9.54
N ASP A 210 -11.88 20.80 -9.63
CA ASP A 210 -11.07 21.08 -10.81
C ASP A 210 -9.65 20.54 -10.72
N GLY A 211 -9.29 19.87 -9.63
CA GLY A 211 -7.90 19.54 -9.38
C GLY A 211 -7.44 18.33 -10.13
N ASN A 212 -6.19 17.95 -9.85
CA ASN A 212 -5.59 16.81 -10.53
C ASN A 212 -6.25 15.50 -10.15
N ILE A 213 -6.93 15.44 -9.01
CA ILE A 213 -7.46 14.17 -8.54
C ILE A 213 -8.90 14.00 -9.03
N LEU A 214 -9.81 14.88 -8.59
CA LEU A 214 -11.19 14.79 -9.07
C LEU A 214 -11.29 15.10 -10.56
N GLY A 215 -10.37 15.90 -11.09
CA GLY A 215 -10.35 16.15 -12.52
C GLY A 215 -9.60 15.13 -13.35
N HIS A 216 -9.01 14.10 -12.75
CA HIS A 216 -8.37 13.01 -13.48
C HIS A 216 -7.27 13.53 -14.42
N LYS A 217 -6.28 14.16 -13.80
CA LYS A 217 -5.17 14.79 -14.52
C LYS A 217 -3.83 14.16 -14.18
N LEU A 218 -3.82 12.91 -13.75
CA LEU A 218 -2.59 12.21 -13.40
C LEU A 218 -2.28 11.16 -14.45
N GLU A 219 -1.01 11.09 -14.83
CA GLU A 219 -0.54 10.06 -15.73
C GLU A 219 -0.76 8.68 -15.13
N TYR A 220 -1.09 7.71 -15.98
CA TYR A 220 -1.26 6.33 -15.54
C TYR A 220 0.11 5.65 -15.53
N ASN A 221 0.91 6.01 -14.53
CA ASN A 221 2.19 5.35 -14.31
C ASN A 221 2.56 5.59 -12.86
N TYR A 222 3.79 5.21 -12.50
CA TYR A 222 4.20 5.29 -11.10
C TYR A 222 5.71 5.40 -11.01
N ASN A 223 6.18 6.26 -10.12
CA ASN A 223 7.60 6.47 -9.91
C ASN A 223 8.11 5.52 -8.81
N SER A 224 9.42 5.56 -8.56
CA SER A 224 10.03 4.73 -7.54
C SER A 224 10.28 5.56 -6.30
N HIS A 225 10.01 4.98 -5.14
CA HIS A 225 10.04 5.74 -3.91
C HIS A 225 10.69 4.91 -2.81
N ASN A 226 11.29 5.59 -1.84
CA ASN A 226 11.80 4.95 -0.63
C ASN A 226 10.91 5.30 0.56
N VAL A 227 10.44 4.28 1.28
CA VAL A 227 9.57 4.45 2.43
C VAL A 227 10.44 4.42 3.68
N TYR A 228 10.43 5.51 4.47
CA TYR A 228 11.26 5.58 5.66
C TYR A 228 10.52 5.00 6.86
N ILE A 229 11.07 3.93 7.45
CA ILE A 229 10.45 3.17 8.53
C ILE A 229 11.26 3.35 9.82
N THR A 230 10.56 3.72 10.90
CA THR A 230 11.14 3.79 12.25
C THR A 230 10.20 3.09 13.24
N ALA A 231 10.76 2.64 14.34
CA ALA A 231 9.96 1.95 15.34
C ALA A 231 9.17 2.95 16.19
N ASP A 232 8.04 2.47 16.72
CA ASP A 232 7.18 3.22 17.65
C ASP A 232 6.93 2.28 18.83
N LYS A 233 7.73 2.45 19.90
CA LYS A 233 7.64 1.51 21.02
C LYS A 233 6.34 1.67 21.79
N GLN A 234 5.82 2.90 21.88
CA GLN A 234 4.59 3.11 22.65
C GLN A 234 3.41 2.34 22.05
N LYS A 235 3.34 2.28 20.72
CA LYS A 235 2.29 1.51 20.07
C LYS A 235 2.78 0.16 19.58
N ASN A 236 3.98 -0.26 20.01
CA ASN A 236 4.48 -1.61 19.75
C ASN A 236 4.48 -1.91 18.24
N GLY A 237 4.84 -0.90 17.45
CA GLY A 237 4.68 -0.99 16.00
C GLY A 237 5.69 -0.12 15.31
N ILE A 238 5.31 0.40 14.15
CA ILE A 238 6.21 1.23 13.37
C ILE A 238 5.45 2.44 12.86
N LYS A 239 6.22 3.42 12.41
CA LYS A 239 5.70 4.54 11.65
C LYS A 239 6.54 4.71 10.41
N ALA A 240 5.94 5.33 9.40
CA ALA A 240 6.66 5.57 8.16
C ALA A 240 6.27 6.92 7.59
N ASN A 241 7.20 7.50 6.85
CA ASN A 241 7.00 8.78 6.20
C ASN A 241 7.58 8.68 4.80
N PHE A 242 6.83 9.19 3.81
CA PHE A 242 7.40 9.23 2.46
C PHE A 242 6.56 10.13 1.58
N LYS A 243 7.11 10.50 0.44
CA LYS A 243 6.42 11.37 -0.49
C LYS A 243 6.28 10.67 -1.82
N ILE A 244 5.05 10.57 -2.28
CA ILE A 244 4.75 10.02 -3.59
C ILE A 244 4.67 11.16 -4.58
N ARG A 245 5.27 10.97 -5.74
CA ARG A 245 5.27 11.98 -6.79
C ARG A 245 4.47 11.40 -7.96
N HIS A 246 3.28 11.95 -8.20
CA HIS A 246 2.44 11.53 -9.31
C HIS A 246 2.68 12.46 -10.50
N ASN A 247 3.13 11.89 -11.61
CA ASN A 247 3.25 12.68 -12.84
C ASN A 247 1.89 13.18 -13.29
N ILE A 248 1.86 14.40 -13.82
CA ILE A 248 0.64 15.03 -14.28
C ILE A 248 0.49 14.80 -15.78
N GLU A 249 -0.75 14.56 -16.22
CA GLU A 249 -1.05 14.35 -17.63
C GLU A 249 -2.53 14.61 -17.86
N ASP A 250 -2.84 15.39 -18.89
CA ASP A 250 -4.23 15.72 -19.21
C ASP A 250 -4.61 15.17 -20.59
#